data_5GO2
#
_entry.id   5GO2
#
_cell.length_a   45.090
_cell.length_b   45.430
_cell.length_c   48.320
_cell.angle_alpha   81.65
_cell.angle_beta   82.88
_cell.angle_gamma   78.25
#
_symmetry.space_group_name_H-M   'P 1'
#
loop_
_entity.id
_entity.type
_entity.pdbx_description
1 polymer 'Protein AroA(G)'
2 non-polymer 'SULFATE ION'
3 non-polymer 'CITRIC ACID'
4 water water
#
_entity_poly.entity_id   1
_entity_poly.type   'polypeptide(L)'
_entity_poly.pdbx_seq_one_letter_code
;MSNTELELLRQKADELNLQILKLINERGNVVKEIGKAKEAQGVNRFDPVRERTMLNNIIENNDGPFENSTIQHIFKEIFK
AGLELQEEDH
;
_entity_poly.pdbx_strand_id   A,B,C,D
#
loop_
_chem_comp.id
_chem_comp.type
_chem_comp.name
_chem_comp.formula
CIT non-polymer 'CITRIC ACID' 'C6 H8 O7'
SO4 non-polymer 'SULFATE ION' 'O4 S -2'
#
# COMPACT_ATOMS: atom_id res chain seq x y z
N MET A 1 -29.49 -1.22 17.60
CA MET A 1 -28.86 -2.22 16.75
C MET A 1 -29.50 -3.60 16.98
N SER A 2 -29.72 -4.35 15.90
CA SER A 2 -30.35 -5.65 16.02
C SER A 2 -29.35 -6.69 16.53
N ASN A 3 -29.88 -7.81 17.03
CA ASN A 3 -29.00 -8.89 17.45
C ASN A 3 -28.24 -9.47 16.26
N THR A 4 -28.89 -9.54 15.10
CA THR A 4 -28.22 -10.05 13.89
C THR A 4 -27.04 -9.16 13.50
N GLU A 5 -27.21 -7.84 13.55
CA GLU A 5 -26.12 -6.92 13.22
C GLU A 5 -24.96 -7.02 14.19
N LEU A 6 -25.26 -7.14 15.49
CA LEU A 6 -24.21 -7.36 16.48
C LEU A 6 -23.42 -8.63 16.13
N GLU A 7 -24.13 -9.72 15.82
CA GLU A 7 -23.43 -10.97 15.48
C GLU A 7 -22.61 -10.80 14.19
N LEU A 8 -23.14 -10.09 13.20
CA LEU A 8 -22.43 -9.93 11.95
C LEU A 8 -21.13 -9.16 12.16
N LEU A 9 -21.20 -8.05 12.90
CA LEU A 9 -20.00 -7.28 13.18
C LEU A 9 -19.00 -8.11 13.99
N ARG A 10 -19.49 -8.88 14.98
CA ARG A 10 -18.55 -9.66 15.77
C ARG A 10 -17.95 -10.82 14.99
N GLN A 11 -18.71 -11.40 14.06
CA GLN A 11 -18.15 -12.43 13.19
C GLN A 11 -17.09 -11.84 12.27
N LYS A 12 -17.34 -10.64 11.73
CA LYS A 12 -16.31 -9.98 10.95
C LYS A 12 -15.06 -9.76 11.77
N ALA A 13 -15.22 -9.31 13.03
CA ALA A 13 -14.07 -9.11 13.89
C ALA A 13 -13.33 -10.42 14.15
N ASP A 14 -14.07 -11.52 14.34
CA ASP A 14 -13.39 -12.80 14.57
C ASP A 14 -12.64 -13.25 13.33
N GLU A 15 -13.25 -13.08 12.16
CA GLU A 15 -12.58 -13.45 10.91
C GLU A 15 -11.29 -12.64 10.74
N LEU A 16 -11.36 -11.34 11.02
CA LEU A 16 -10.17 -10.51 10.94
C LEU A 16 -9.12 -10.93 11.96
N ASN A 17 -9.53 -11.25 13.19
CA ASN A 17 -8.60 -11.82 14.17
C ASN A 17 -7.84 -12.99 13.57
N LEU A 18 -8.58 -13.90 12.92
CA LEU A 18 -7.92 -15.11 12.41
C LEU A 18 -6.98 -14.79 11.26
N GLN A 19 -7.37 -13.84 10.39
CA GLN A 19 -6.49 -13.45 9.30
C GLN A 19 -5.22 -12.77 9.82
N ILE A 20 -5.37 -11.86 10.77
CA ILE A 20 -4.21 -11.26 11.42
C ILE A 20 -3.33 -12.34 12.03
N LEU A 21 -3.94 -13.33 12.69
CA LEU A 21 -3.16 -14.43 13.26
C LEU A 21 -2.37 -15.14 12.16
N LYS A 22 -3.02 -15.43 11.03
CA LYS A 22 -2.34 -16.13 9.94
C LYS A 22 -1.15 -15.33 9.44
N LEU A 23 -1.32 -14.01 9.26
CA LEU A 23 -0.23 -13.21 8.71
C LEU A 23 0.91 -13.03 9.70
N ILE A 24 0.58 -12.80 10.98
CA ILE A 24 1.62 -12.76 12.00
C ILE A 24 2.43 -14.05 11.98
N ASN A 25 1.76 -15.20 11.84
CA ASN A 25 2.49 -16.47 11.86
C ASN A 25 3.34 -16.67 10.61
N GLU A 26 2.80 -16.30 9.43
CA GLU A 26 3.60 -16.36 8.22
C GLU A 26 4.82 -15.45 8.34
N ARG A 27 4.60 -14.24 8.85
CA ARG A 27 5.74 -13.35 9.10
C ARG A 27 6.72 -14.00 10.04
N GLY A 28 6.23 -14.73 11.05
CA GLY A 28 7.11 -15.42 11.97
C GLY A 28 8.00 -16.43 11.28
N ASN A 29 7.41 -17.25 10.40
CA ASN A 29 8.23 -18.18 9.63
C ASN A 29 9.28 -17.44 8.80
N VAL A 30 8.89 -16.32 8.18
CA VAL A 30 9.85 -15.57 7.37
C VAL A 30 11.02 -15.09 8.24
N VAL A 31 10.71 -14.51 9.40
CA VAL A 31 11.73 -13.92 10.25
C VAL A 31 12.63 -15.00 10.84
N LYS A 32 12.08 -16.20 11.06
CA LYS A 32 12.92 -17.33 11.47
C LYS A 32 13.89 -17.73 10.37
N GLU A 33 13.41 -17.77 9.12
CA GLU A 33 14.30 -18.05 8.01
C GLU A 33 15.41 -17.01 7.90
N ILE A 34 15.06 -15.73 8.08
CA ILE A 34 16.05 -14.68 8.03
C ILE A 34 17.05 -14.85 9.16
N GLY A 35 16.57 -15.22 10.35
CA GLY A 35 17.47 -15.44 11.46
C GLY A 35 18.46 -16.55 11.20
N LYS A 36 18.02 -17.61 10.52
CA LYS A 36 18.94 -18.70 10.19
C LYS A 36 20.17 -18.18 9.45
N ALA A 37 20.01 -17.11 8.66
CA ALA A 37 21.10 -16.63 7.82
C ALA A 37 22.11 -15.81 8.61
N LYS A 38 21.65 -15.03 9.58
CA LYS A 38 22.52 -14.09 10.27
C LYS A 38 23.62 -14.82 11.06
N GLU A 39 24.62 -14.05 11.47
CA GLU A 39 25.70 -14.57 12.29
C GLU A 39 25.29 -14.59 13.76
N ALA A 40 25.72 -15.63 14.46
CA ALA A 40 25.38 -15.78 15.88
C ALA A 40 25.92 -14.60 16.68
N GLN A 41 25.08 -14.08 17.59
CA GLN A 41 25.44 -12.93 18.40
C GLN A 41 25.02 -13.19 19.85
N GLY A 42 25.57 -12.38 20.76
CA GLY A 42 25.21 -12.50 22.17
C GLY A 42 23.78 -12.09 22.48
N VAL A 43 23.18 -11.26 21.63
CA VAL A 43 21.80 -10.82 21.81
C VAL A 43 21.23 -10.52 20.42
N ASN A 44 19.92 -10.71 20.27
CA ASN A 44 19.29 -10.83 18.95
C ASN A 44 19.36 -9.50 18.19
N ARG A 45 20.13 -9.50 17.09
CA ARG A 45 20.39 -8.27 16.34
C ARG A 45 19.14 -7.84 15.57
N PHE A 46 18.68 -6.63 15.83
CA PHE A 46 17.72 -5.94 14.97
C PHE A 46 18.33 -4.59 14.60
N ASP A 47 18.78 -4.46 13.35
CA ASP A 47 19.44 -3.24 12.93
C ASP A 47 18.52 -2.06 13.20
N PRO A 48 18.96 -1.03 13.94
CA PRO A 48 18.03 0.04 14.32
C PRO A 48 17.62 0.93 13.15
N VAL A 49 18.47 1.10 12.13
CA VAL A 49 18.08 1.95 11.02
C VAL A 49 16.98 1.28 10.21
N ARG A 50 17.18 -0.01 9.92
CA ARG A 50 16.13 -0.78 9.26
C ARG A 50 14.84 -0.78 10.08
N GLU A 51 14.93 -0.97 11.39
CA GLU A 51 13.71 -0.99 12.19
C GLU A 51 12.99 0.36 12.13
N ARG A 52 13.73 1.44 12.36
CA ARG A 52 13.10 2.76 12.38
C ARG A 52 12.50 3.10 11.02
N THR A 53 13.17 2.68 9.94
CA THR A 53 12.66 2.88 8.59
C THR A 53 11.37 2.09 8.39
N MET A 54 11.37 0.82 8.80
CA MET A 54 10.16 0.00 8.71
C MET A 54 8.99 0.64 9.46
N LEU A 55 9.22 1.02 10.72
CA LEU A 55 8.14 1.61 11.52
C LEU A 55 7.63 2.89 10.87
N ASN A 56 8.54 3.75 10.40
CA ASN A 56 8.09 5.00 9.79
C ASN A 56 7.32 4.74 8.51
N ASN A 57 7.70 3.71 7.72
CA ASN A 57 6.96 3.39 6.51
C ASN A 57 5.56 2.86 6.85
N ILE A 58 5.47 1.96 7.84
CA ILE A 58 4.17 1.53 8.32
C ILE A 58 3.32 2.74 8.68
N ILE A 59 3.89 3.68 9.44
CA ILE A 59 3.18 4.88 9.84
C ILE A 59 2.73 5.67 8.62
N GLU A 60 3.61 5.81 7.63
CA GLU A 60 3.24 6.52 6.41
C GLU A 60 2.00 5.92 5.77
N ASN A 61 1.83 4.60 5.84
CA ASN A 61 0.66 3.95 5.27
C ASN A 61 -0.53 3.87 6.24
N ASN A 62 -0.47 4.54 7.39
CA ASN A 62 -1.53 4.46 8.39
C ASN A 62 -2.64 5.46 8.08
N ASP A 63 -3.68 4.98 7.41
CA ASP A 63 -4.87 5.78 7.18
C ASP A 63 -6.06 5.27 7.98
N GLY A 64 -5.82 4.38 8.95
CA GLY A 64 -6.87 3.74 9.71
C GLY A 64 -7.29 4.62 10.87
N PRO A 65 -8.12 4.07 11.76
CA PRO A 65 -8.66 4.86 12.86
C PRO A 65 -7.73 5.01 14.05
N PHE A 66 -6.56 4.40 14.04
CA PHE A 66 -5.67 4.44 15.19
C PHE A 66 -4.60 5.51 15.02
N GLU A 67 -4.23 6.14 16.13
CA GLU A 67 -3.12 7.07 16.12
C GLU A 67 -1.84 6.34 15.72
N ASN A 68 -0.89 7.12 15.19
CA ASN A 68 0.37 6.57 14.72
C ASN A 68 1.15 5.92 15.86
N SER A 69 1.09 6.50 17.07
CA SER A 69 1.78 5.91 18.21
C SER A 69 1.22 4.54 18.54
N THR A 70 -0.11 4.38 18.45
CA THR A 70 -0.73 3.08 18.72
C THR A 70 -0.24 2.03 17.74
N ILE A 71 -0.27 2.36 16.45
CA ILE A 71 0.21 1.45 15.42
C ILE A 71 1.68 1.10 15.67
N GLN A 72 2.51 2.12 15.95
CA GLN A 72 3.91 1.89 16.24
C GLN A 72 4.09 0.92 17.39
N HIS A 73 3.33 1.12 18.48
CA HIS A 73 3.45 0.24 19.65
C HIS A 73 3.10 -1.19 19.29
N ILE A 74 1.95 -1.39 18.63
CA ILE A 74 1.57 -2.75 18.25
C ILE A 74 2.67 -3.39 17.40
N PHE A 75 3.17 -2.67 16.40
CA PHE A 75 4.17 -3.30 15.54
C PHE A 75 5.51 -3.48 16.23
N LYS A 76 5.82 -2.68 17.25
CA LYS A 76 7.00 -2.98 18.04
C LYS A 76 6.84 -4.30 18.78
N GLU A 77 5.63 -4.56 19.30
CA GLU A 77 5.38 -5.84 19.97
C GLU A 77 5.51 -7.00 19.01
N ILE A 78 4.88 -6.89 17.83
CA ILE A 78 5.03 -7.91 16.80
C ILE A 78 6.52 -8.16 16.51
N PHE A 79 7.26 -7.09 16.24
CA PHE A 79 8.69 -7.19 15.92
C PHE A 79 9.45 -7.91 17.02
N LYS A 80 9.24 -7.49 18.27
CA LYS A 80 9.93 -8.09 19.41
C LYS A 80 9.65 -9.59 19.49
N ALA A 81 8.38 -9.98 19.34
CA ALA A 81 8.06 -11.41 19.31
C ALA A 81 8.88 -12.12 18.24
N GLY A 82 8.93 -11.52 17.04
CA GLY A 82 9.77 -12.08 15.99
C GLY A 82 11.20 -12.31 16.44
N LEU A 83 11.80 -11.29 17.07
CA LEU A 83 13.18 -11.41 17.53
C LEU A 83 13.33 -12.58 18.49
N GLU A 84 12.45 -12.66 19.50
CA GLU A 84 12.47 -13.79 20.42
C GLU A 84 12.50 -15.10 19.65
N LEU A 85 11.71 -15.17 18.57
CA LEU A 85 11.67 -16.38 17.75
C LEU A 85 13.04 -16.74 17.19
N GLN A 86 13.73 -15.77 16.60
CA GLN A 86 15.07 -16.01 16.06
C GLN A 86 16.04 -16.44 17.16
N MET B 1 21.92 -19.95 1.76
CA MET B 1 20.95 -18.95 1.27
C MET B 1 21.65 -17.75 0.64
N SER B 2 21.31 -17.47 -0.63
CA SER B 2 21.82 -16.29 -1.32
C SER B 2 21.41 -15.00 -0.60
N ASN B 3 22.17 -13.93 -0.84
CA ASN B 3 21.72 -12.63 -0.37
C ASN B 3 20.44 -12.22 -1.09
N THR B 4 20.28 -12.65 -2.35
CA THR B 4 19.03 -12.35 -3.06
C THR B 4 17.85 -12.96 -2.31
N GLU B 5 17.99 -14.20 -1.85
CA GLU B 5 16.91 -14.84 -1.11
C GLU B 5 16.65 -14.08 0.19
N LEU B 6 17.70 -13.76 0.93
CA LEU B 6 17.58 -12.96 2.14
C LEU B 6 16.80 -11.68 1.88
N GLU B 7 17.18 -10.94 0.85
CA GLU B 7 16.50 -9.67 0.56
C GLU B 7 15.04 -9.90 0.20
N LEU B 8 14.76 -10.97 -0.54
CA LEU B 8 13.38 -11.24 -0.94
C LEU B 8 12.53 -11.63 0.26
N LEU B 9 13.12 -12.38 1.20
CA LEU B 9 12.46 -12.67 2.48
C LEU B 9 12.16 -11.38 3.25
N ARG B 10 13.11 -10.45 3.30
CA ARG B 10 12.84 -9.16 3.93
C ARG B 10 11.68 -8.44 3.25
N GLN B 11 11.67 -8.43 1.92
CA GLN B 11 10.55 -7.83 1.19
C GLN B 11 9.22 -8.47 1.59
N LYS B 12 9.18 -9.80 1.63
CA LYS B 12 7.96 -10.50 2.00
C LYS B 12 7.51 -10.13 3.41
N ALA B 13 8.45 -10.09 4.37
CA ALA B 13 8.09 -9.66 5.72
C ALA B 13 7.50 -8.25 5.72
N ASP B 14 8.10 -7.31 4.98
CA ASP B 14 7.57 -5.95 4.93
C ASP B 14 6.15 -5.91 4.34
N GLU B 15 5.92 -6.63 3.24
CA GLU B 15 4.58 -6.69 2.67
C GLU B 15 3.59 -7.29 3.68
N LEU B 16 4.06 -8.26 4.45
CA LEU B 16 3.22 -8.86 5.48
C LEU B 16 2.87 -7.84 6.55
N ASN B 17 3.83 -7.01 6.96
CA ASN B 17 3.51 -5.93 7.89
C ASN B 17 2.39 -5.05 7.35
N LEU B 18 2.45 -4.71 6.07
CA LEU B 18 1.44 -3.81 5.52
C LEU B 18 0.06 -4.48 5.48
N GLN B 19 0.02 -5.78 5.20
CA GLN B 19 -1.25 -6.50 5.23
C GLN B 19 -1.81 -6.57 6.64
N ILE B 20 -0.96 -6.87 7.61
CA ILE B 20 -1.37 -6.82 9.02
C ILE B 20 -1.91 -5.43 9.37
N LEU B 21 -1.27 -4.37 8.88
CA LEU B 21 -1.75 -3.02 9.20
C LEU B 21 -3.16 -2.84 8.66
N LYS B 22 -3.37 -3.19 7.39
CA LYS B 22 -4.70 -3.03 6.81
C LYS B 22 -5.74 -3.81 7.60
N LEU B 23 -5.42 -5.05 8.00
CA LEU B 23 -6.40 -5.86 8.71
C LEU B 23 -6.69 -5.27 10.11
N ILE B 24 -5.65 -4.83 10.81
CA ILE B 24 -5.85 -4.18 12.12
C ILE B 24 -6.75 -2.97 11.97
N ASN B 25 -6.55 -2.18 10.92
CA ASN B 25 -7.37 -1.00 10.71
C ASN B 25 -8.81 -1.36 10.37
N GLU B 26 -9.00 -2.32 9.48
CA GLU B 26 -10.33 -2.83 9.17
C GLU B 26 -11.05 -3.28 10.44
N ARG B 27 -10.40 -4.14 11.21
CA ARG B 27 -10.95 -4.59 12.48
C ARG B 27 -11.25 -3.39 13.36
N GLY B 28 -10.42 -2.36 13.30
CA GLY B 28 -10.68 -1.18 14.13
C GLY B 28 -12.00 -0.52 13.74
N ASN B 29 -12.26 -0.43 12.43
CA ASN B 29 -13.53 0.15 12.00
C ASN B 29 -14.71 -0.70 12.46
N VAL B 30 -14.54 -2.04 12.43
CA VAL B 30 -15.63 -2.91 12.86
C VAL B 30 -15.95 -2.70 14.35
N VAL B 31 -14.93 -2.83 15.21
CA VAL B 31 -15.21 -2.67 16.64
C VAL B 31 -15.57 -1.23 16.98
N LYS B 32 -15.20 -0.23 16.18
CA LYS B 32 -15.74 1.10 16.41
C LYS B 32 -17.25 1.12 16.21
N GLU B 33 -17.74 0.41 15.19
CA GLU B 33 -19.18 0.32 14.98
C GLU B 33 -19.87 -0.39 16.14
N ILE B 34 -19.29 -1.51 16.59
CA ILE B 34 -19.85 -2.17 17.77
C ILE B 34 -19.88 -1.19 18.93
N GLY B 35 -18.79 -0.43 19.11
CA GLY B 35 -18.74 0.54 20.17
C GLY B 35 -19.88 1.53 20.11
N LYS B 36 -20.22 2.00 18.89
CA LYS B 36 -21.32 2.95 18.79
C LYS B 36 -22.63 2.34 19.24
N ALA B 37 -22.88 1.08 18.87
CA ALA B 37 -24.12 0.46 19.36
C ALA B 37 -24.14 0.37 20.89
N LYS B 38 -23.00 -0.05 21.49
CA LYS B 38 -22.96 -0.13 22.95
C LYS B 38 -23.20 1.23 23.57
N GLU B 39 -22.51 2.26 23.05
CA GLU B 39 -22.71 3.63 23.50
C GLU B 39 -24.18 4.03 23.44
N ALA B 40 -24.85 3.72 22.33
CA ALA B 40 -26.24 4.09 22.20
C ALA B 40 -27.08 3.44 23.28
N GLN B 41 -26.71 2.24 23.73
CA GLN B 41 -27.49 1.56 24.75
C GLN B 41 -27.00 1.81 26.17
N GLY B 42 -25.95 2.62 26.34
CA GLY B 42 -25.38 2.81 27.67
C GLY B 42 -24.64 1.61 28.22
N VAL B 43 -24.23 0.70 27.35
CA VAL B 43 -23.60 -0.56 27.73
C VAL B 43 -22.10 -0.37 27.87
N ASN B 44 -21.52 -0.95 28.93
CA ASN B 44 -20.07 -0.87 29.11
C ASN B 44 -19.37 -1.30 27.83
N ARG B 45 -18.40 -0.50 27.36
CA ARG B 45 -17.66 -0.88 26.14
C ARG B 45 -16.77 -2.10 26.38
N PHE B 46 -16.23 -2.24 27.58
CA PHE B 46 -15.35 -3.37 27.87
C PHE B 46 -16.18 -4.60 28.19
N ASP B 47 -15.98 -5.67 27.41
CA ASP B 47 -16.73 -6.92 27.53
C ASP B 47 -15.70 -8.03 27.67
N PRO B 48 -15.30 -8.37 28.90
CA PRO B 48 -14.27 -9.41 29.04
C PRO B 48 -14.74 -10.79 28.60
N VAL B 49 -16.04 -11.09 28.70
CA VAL B 49 -16.55 -12.35 28.16
C VAL B 49 -16.21 -12.46 26.67
N ARG B 50 -16.46 -11.37 25.94
CA ARG B 50 -16.20 -11.35 24.51
C ARG B 50 -14.69 -11.42 24.20
N GLU B 51 -13.86 -10.70 24.96
CA GLU B 51 -12.43 -10.78 24.70
C GLU B 51 -11.91 -12.20 24.94
N ARG B 52 -12.40 -12.84 26.00
CA ARG B 52 -12.02 -14.21 26.28
C ARG B 52 -12.50 -15.17 25.20
N THR B 53 -13.68 -14.91 24.62
CA THR B 53 -14.14 -15.72 23.49
C THR B 53 -13.25 -15.54 22.27
N MET B 54 -12.93 -14.28 21.94
CA MET B 54 -12.06 -14.01 20.80
C MET B 54 -10.71 -14.71 20.96
N LEU B 55 -10.12 -14.60 22.16
CA LEU B 55 -8.83 -15.23 22.43
C LEU B 55 -8.91 -16.74 22.31
N ASN B 56 -9.99 -17.34 22.83
CA ASN B 56 -10.15 -18.79 22.68
C ASN B 56 -10.15 -19.17 21.20
N ASN B 57 -10.90 -18.42 20.38
CA ASN B 57 -10.91 -18.67 18.94
C ASN B 57 -9.51 -18.58 18.35
N ILE B 58 -8.73 -17.61 18.81
CA ILE B 58 -7.41 -17.35 18.24
C ILE B 58 -6.43 -18.44 18.63
N ILE B 59 -6.37 -18.77 19.93
CA ILE B 59 -5.47 -19.83 20.41
C ILE B 59 -5.80 -21.17 19.77
N GLU B 60 -7.09 -21.51 19.71
CA GLU B 60 -7.50 -22.77 19.09
C GLU B 60 -6.90 -22.92 17.70
N ASN B 61 -6.70 -21.81 17.01
CA ASN B 61 -6.21 -21.80 15.64
C ASN B 61 -4.72 -21.53 15.55
N ASN B 62 -4.01 -21.44 16.68
CA ASN B 62 -2.60 -21.08 16.67
C ASN B 62 -1.74 -22.33 16.49
N ASP B 63 -1.33 -22.58 15.25
CA ASP B 63 -0.32 -23.59 14.98
C ASP B 63 0.97 -22.99 14.43
N GLY B 64 1.06 -21.66 14.32
CA GLY B 64 2.26 -20.98 13.86
C GLY B 64 3.42 -21.18 14.80
N PRO B 65 4.51 -20.44 14.59
CA PRO B 65 5.73 -20.68 15.37
C PRO B 65 5.75 -19.98 16.72
N PHE B 66 4.78 -19.12 17.00
CA PHE B 66 4.76 -18.36 18.25
C PHE B 66 4.02 -19.14 19.32
N GLU B 67 4.51 -19.04 20.56
CA GLU B 67 3.81 -19.64 21.68
C GLU B 67 2.46 -18.96 21.89
N ASN B 68 1.58 -19.67 22.59
CA ASN B 68 0.24 -19.13 22.83
C ASN B 68 0.29 -17.84 23.66
N SER B 69 1.23 -17.74 24.61
CA SER B 69 1.30 -16.54 25.42
C SER B 69 1.75 -15.35 24.59
N THR B 70 2.68 -15.59 23.66
CA THR B 70 3.12 -14.52 22.76
C THR B 70 1.94 -14.00 21.93
N ILE B 71 1.20 -14.91 21.30
CA ILE B 71 0.02 -14.53 20.51
C ILE B 71 -0.98 -13.78 21.39
N GLN B 72 -1.23 -14.30 22.58
CA GLN B 72 -2.17 -13.65 23.50
C GLN B 72 -1.75 -12.22 23.79
N HIS B 73 -0.46 -12.01 24.07
CA HIS B 73 0.01 -10.66 24.38
C HIS B 73 -0.19 -9.72 23.19
N ILE B 74 0.19 -10.14 21.98
CA ILE B 74 0.02 -9.26 20.83
C ILE B 74 -1.47 -8.94 20.63
N PHE B 75 -2.33 -9.95 20.68
CA PHE B 75 -3.73 -9.66 20.44
C PHE B 75 -4.33 -8.83 21.55
N LYS B 76 -3.85 -8.95 22.79
CA LYS B 76 -4.35 -8.09 23.85
C LYS B 76 -3.95 -6.63 23.59
N GLU B 77 -2.76 -6.41 23.04
CA GLU B 77 -2.44 -5.04 22.61
C GLU B 77 -3.42 -4.53 21.55
N ILE B 78 -3.73 -5.39 20.55
CA ILE B 78 -4.69 -5.00 19.50
C ILE B 78 -6.07 -4.72 20.10
N PHE B 79 -6.55 -5.62 20.98
CA PHE B 79 -7.85 -5.45 21.61
C PHE B 79 -7.88 -4.15 22.38
N LYS B 80 -6.86 -3.90 23.19
CA LYS B 80 -6.82 -2.69 23.99
C LYS B 80 -6.90 -1.45 23.10
N ALA B 81 -6.20 -1.44 21.96
CA ALA B 81 -6.28 -0.26 21.10
C ALA B 81 -7.69 -0.04 20.56
N GLY B 82 -8.33 -1.11 20.08
CA GLY B 82 -9.69 -0.95 19.60
C GLY B 82 -10.67 -0.51 20.69
N LEU B 83 -10.49 -1.05 21.89
CA LEU B 83 -11.34 -0.69 23.03
C LEU B 83 -11.14 0.78 23.40
N GLU B 84 -9.89 1.23 23.46
CA GLU B 84 -9.64 2.64 23.70
C GLU B 84 -10.34 3.49 22.66
N LEU B 85 -10.29 3.06 21.41
CA LEU B 85 -11.02 3.76 20.35
C LEU B 85 -12.50 3.90 20.71
N GLN B 86 -13.13 2.81 21.17
CA GLN B 86 -14.55 2.90 21.49
C GLN B 86 -14.82 3.78 22.71
N GLU B 87 -13.89 3.84 23.66
CA GLU B 87 -14.18 4.54 24.90
C GLU B 87 -14.04 6.05 24.74
N GLU B 88 -13.30 6.52 23.73
CA GLU B 88 -13.29 7.95 23.40
C GLU B 88 -14.71 8.42 23.12
N SER C 2 -17.98 27.28 -7.31
CA SER C 2 -17.45 28.64 -7.40
C SER C 2 -16.16 28.68 -8.22
N ASN C 3 -15.80 29.89 -8.69
CA ASN C 3 -14.54 30.10 -9.38
C ASN C 3 -13.36 29.57 -8.56
N THR C 4 -13.29 29.98 -7.30
CA THR C 4 -12.14 29.67 -6.47
C THR C 4 -11.99 28.18 -6.27
N GLU C 5 -13.10 27.47 -6.02
CA GLU C 5 -13.04 26.02 -5.80
C GLU C 5 -12.60 25.29 -7.06
N LEU C 6 -13.08 25.70 -8.23
CA LEU C 6 -12.61 25.07 -9.46
C LEU C 6 -11.12 25.31 -9.65
N GLU C 7 -10.63 26.49 -9.28
CA GLU C 7 -9.21 26.77 -9.42
C GLU C 7 -8.38 25.98 -8.41
N LEU C 8 -8.83 25.89 -7.17
CA LEU C 8 -8.14 25.08 -6.16
C LEU C 8 -8.04 23.63 -6.62
N LEU C 9 -9.15 23.07 -7.10
CA LEU C 9 -9.14 21.70 -7.58
C LEU C 9 -8.16 21.52 -8.73
N ARG C 10 -8.20 22.43 -9.70
CA ARG C 10 -7.28 22.29 -10.83
C ARG C 10 -5.83 22.46 -10.40
N GLN C 11 -5.56 23.29 -9.39
CA GLN C 11 -4.20 23.43 -8.91
C GLN C 11 -3.74 22.13 -8.27
N LYS C 12 -4.62 21.49 -7.49
CA LYS C 12 -4.27 20.17 -6.94
C LYS C 12 -3.99 19.17 -8.05
N ALA C 13 -4.81 19.19 -9.12
CA ALA C 13 -4.59 18.31 -10.26
C ALA C 13 -3.24 18.57 -10.94
N ASP C 14 -2.86 19.84 -11.10
CA ASP C 14 -1.55 20.16 -11.63
C ASP C 14 -0.43 19.62 -10.74
N GLU C 15 -0.55 19.84 -9.42
CA GLU C 15 0.47 19.35 -8.49
C GLU C 15 0.61 17.84 -8.58
N LEU C 16 -0.51 17.13 -8.56
CA LEU C 16 -0.50 15.68 -8.72
C LEU C 16 0.08 15.28 -10.08
N ASN C 17 -0.22 16.04 -11.14
CA ASN C 17 0.43 15.79 -12.43
C ASN C 17 1.95 15.77 -12.26
N LEU C 18 2.48 16.75 -11.53
CA LEU C 18 3.93 16.87 -11.43
C LEU C 18 4.52 15.77 -10.56
N GLN C 19 3.81 15.38 -9.50
CA GLN C 19 4.29 14.26 -8.68
C GLN C 19 4.28 12.96 -9.46
N ILE C 20 3.23 12.73 -10.25
CA ILE C 20 3.20 11.58 -11.14
C ILE C 20 4.38 11.62 -12.12
N LEU C 21 4.65 12.80 -12.70
CA LEU C 21 5.80 12.92 -13.59
C LEU C 21 7.09 12.54 -12.87
N LYS C 22 7.31 13.06 -11.67
CA LYS C 22 8.53 12.74 -10.94
C LYS C 22 8.68 11.25 -10.73
N LEU C 23 7.59 10.56 -10.38
CA LEU C 23 7.69 9.13 -10.10
C LEU C 23 7.85 8.30 -11.38
N ILE C 24 7.15 8.65 -12.46
CA ILE C 24 7.38 7.99 -13.74
C ILE C 24 8.85 8.10 -14.15
N ASN C 25 9.45 9.28 -13.94
CA ASN C 25 10.86 9.48 -14.31
C ASN C 25 11.82 8.70 -13.41
N GLU C 26 11.59 8.74 -12.09
CA GLU C 26 12.41 7.93 -11.20
C GLU C 26 12.32 6.46 -11.58
N ARG C 27 11.10 6.00 -11.90
CA ARG C 27 10.91 4.63 -12.37
C ARG C 27 11.72 4.38 -13.64
N GLY C 28 11.74 5.34 -14.56
CA GLY C 28 12.50 5.16 -15.78
C GLY C 28 13.98 4.97 -15.50
N ASN C 29 14.53 5.73 -14.55
CA ASN C 29 15.93 5.52 -14.23
C ASN C 29 16.16 4.14 -13.64
N VAL C 30 15.23 3.68 -12.80
CA VAL C 30 15.34 2.33 -12.23
C VAL C 30 15.36 1.29 -13.34
N VAL C 31 14.34 1.29 -14.20
CA VAL C 31 14.27 0.26 -15.23
C VAL C 31 15.39 0.43 -16.25
N LYS C 32 15.96 1.62 -16.38
CA LYS C 32 17.15 1.77 -17.22
C LYS C 32 18.32 0.98 -16.63
N GLU C 33 18.55 1.13 -15.33
CA GLU C 33 19.58 0.32 -14.67
C GLU C 33 19.29 -1.17 -14.82
N ILE C 34 18.03 -1.57 -14.63
CA ILE C 34 17.67 -2.98 -14.80
C ILE C 34 18.04 -3.43 -16.20
N GLY C 35 17.68 -2.61 -17.20
CA GLY C 35 17.95 -2.97 -18.58
C GLY C 35 19.43 -3.19 -18.83
N LYS C 36 20.27 -2.26 -18.34
CA LYS C 36 21.72 -2.46 -18.45
C LYS C 36 22.15 -3.80 -17.85
N ALA C 37 21.59 -4.13 -16.68
CA ALA C 37 21.96 -5.39 -16.04
C ALA C 37 21.54 -6.58 -16.90
N LYS C 38 20.31 -6.55 -17.41
CA LYS C 38 19.82 -7.63 -18.26
C LYS C 38 20.69 -7.78 -19.50
N GLU C 39 21.06 -6.67 -20.13
CA GLU C 39 21.89 -6.69 -21.31
C GLU C 39 23.26 -7.29 -21.02
N ALA C 40 23.86 -6.94 -19.88
CA ALA C 40 25.17 -7.50 -19.54
C ALA C 40 25.07 -9.00 -19.28
N GLN C 41 23.91 -9.49 -18.84
CA GLN C 41 23.72 -10.90 -18.52
C GLN C 41 23.09 -11.68 -19.66
N GLY C 42 22.95 -11.08 -20.83
CA GLY C 42 22.38 -11.77 -21.97
C GLY C 42 20.92 -12.14 -21.80
N VAL C 43 20.19 -11.41 -20.95
CA VAL C 43 18.80 -11.74 -20.61
C VAL C 43 17.86 -10.83 -21.39
N ASN C 44 16.78 -11.42 -21.91
CA ASN C 44 15.78 -10.66 -22.67
C ASN C 44 15.32 -9.44 -21.89
N ARG C 45 15.40 -8.27 -22.52
CA ARG C 45 14.88 -7.08 -21.88
C ARG C 45 13.35 -7.10 -21.85
N PHE C 46 12.71 -7.58 -22.92
CA PHE C 46 11.25 -7.74 -22.94
C PHE C 46 10.88 -9.06 -22.28
N ASP C 47 10.06 -9.00 -21.23
CA ASP C 47 9.54 -10.19 -20.55
C ASP C 47 8.04 -10.00 -20.33
N PRO C 48 7.18 -10.63 -21.14
CA PRO C 48 5.74 -10.41 -20.97
C PRO C 48 5.16 -11.00 -19.69
N VAL C 49 5.76 -12.06 -19.14
CA VAL C 49 5.32 -12.57 -17.84
C VAL C 49 5.57 -11.51 -16.76
N ARG C 50 6.76 -10.91 -16.77
CA ARG C 50 7.02 -9.83 -15.80
C ARG C 50 5.98 -8.73 -15.93
N GLU C 51 5.66 -8.33 -17.17
CA GLU C 51 4.62 -7.32 -17.37
C GLU C 51 3.30 -7.78 -16.75
N ARG C 52 2.94 -9.05 -16.94
CA ARG C 52 1.70 -9.56 -16.36
C ARG C 52 1.71 -9.47 -14.85
N THR C 53 2.76 -9.99 -14.21
CA THR C 53 2.81 -9.98 -12.74
C THR C 53 2.78 -8.56 -12.18
N MET C 54 3.54 -7.64 -12.79
CA MET C 54 3.46 -6.23 -12.38
C MET C 54 2.03 -5.74 -12.42
N LEU C 55 1.36 -5.94 -13.58
CA LEU C 55 -0.01 -5.48 -13.73
C LEU C 55 -0.93 -6.09 -12.69
N ASN C 56 -0.76 -7.38 -12.40
CA ASN C 56 -1.60 -8.01 -11.38
C ASN C 56 -1.41 -7.34 -10.03
N ASN C 57 -0.17 -7.02 -9.66
CA ASN C 57 0.07 -6.36 -8.38
C ASN C 57 -0.66 -5.01 -8.32
N ILE C 58 -0.49 -4.19 -9.36
CA ILE C 58 -1.19 -2.91 -9.39
C ILE C 58 -2.70 -3.13 -9.24
N ILE C 59 -3.28 -4.02 -10.05
CA ILE C 59 -4.73 -4.21 -10.05
C ILE C 59 -5.20 -4.71 -8.69
N GLU C 60 -4.46 -5.64 -8.10
CA GLU C 60 -4.80 -6.13 -6.77
C GLU C 60 -4.83 -5.00 -5.76
N ASN C 61 -4.08 -3.92 -6.00
CA ASN C 61 -4.10 -2.78 -5.07
C ASN C 61 -4.99 -1.62 -5.53
N ASN C 62 -5.78 -1.79 -6.59
CA ASN C 62 -6.58 -0.69 -7.13
C ASN C 62 -7.92 -0.63 -6.43
N ASP C 63 -8.07 0.36 -5.54
CA ASP C 63 -9.37 0.69 -4.95
C ASP C 63 -9.82 2.10 -5.35
N GLY C 64 -9.12 2.74 -6.28
CA GLY C 64 -9.41 4.11 -6.66
C GLY C 64 -10.72 4.15 -7.42
N PRO C 65 -11.02 5.29 -8.05
CA PRO C 65 -12.27 5.42 -8.80
C PRO C 65 -12.21 4.88 -10.22
N PHE C 66 -11.02 4.56 -10.72
CA PHE C 66 -10.89 4.04 -12.08
C PHE C 66 -11.09 2.54 -12.13
N GLU C 67 -11.62 2.07 -13.25
CA GLU C 67 -11.78 0.64 -13.42
C GLU C 67 -10.43 -0.02 -13.62
N ASN C 68 -10.40 -1.33 -13.34
CA ASN C 68 -9.17 -2.10 -13.52
C ASN C 68 -8.66 -2.02 -14.95
N SER C 69 -9.56 -2.07 -15.94
CA SER C 69 -9.11 -2.00 -17.33
C SER C 69 -8.41 -0.67 -17.60
N THR C 70 -8.93 0.43 -17.05
CA THR C 70 -8.33 1.75 -17.28
C THR C 70 -6.93 1.81 -16.69
N ILE C 71 -6.78 1.40 -15.43
CA ILE C 71 -5.47 1.40 -14.76
C ILE C 71 -4.51 0.48 -15.51
N GLN C 72 -4.97 -0.72 -15.85
CA GLN C 72 -4.12 -1.61 -16.64
C GLN C 72 -3.61 -0.90 -17.89
N HIS C 73 -4.48 -0.17 -18.59
CA HIS C 73 -4.03 0.46 -19.84
C HIS C 73 -2.99 1.54 -19.57
N ILE C 74 -3.24 2.40 -18.57
CA ILE C 74 -2.27 3.44 -18.26
C ILE C 74 -0.92 2.82 -17.90
N PHE C 75 -0.93 1.76 -17.11
CA PHE C 75 0.35 1.17 -16.73
C PHE C 75 0.99 0.41 -17.89
N LYS C 76 0.21 -0.12 -18.83
CA LYS C 76 0.82 -0.70 -20.02
C LYS C 76 1.55 0.38 -20.82
N GLU C 77 1.00 1.60 -20.88
CA GLU C 77 1.74 2.67 -21.54
C GLU C 77 3.02 3.03 -20.79
N ILE C 78 2.95 3.11 -19.46
CA ILE C 78 4.16 3.41 -18.67
C ILE C 78 5.21 2.31 -18.86
N PHE C 79 4.78 1.06 -18.79
CA PHE C 79 5.68 -0.08 -18.96
C PHE C 79 6.34 -0.05 -20.33
N LYS C 80 5.54 0.11 -21.38
CA LYS C 80 6.08 0.12 -22.74
C LYS C 80 7.09 1.24 -22.91
N ALA C 81 6.83 2.42 -22.35
CA ALA C 81 7.81 3.51 -22.45
C ALA C 81 9.13 3.14 -21.76
N GLY C 82 9.04 2.57 -20.55
CA GLY C 82 10.27 2.14 -19.87
C GLY C 82 11.04 1.09 -20.66
N LEU C 83 10.31 0.16 -21.29
CA LEU C 83 10.96 -0.85 -22.11
C LEU C 83 11.63 -0.24 -23.33
N GLU C 84 10.97 0.73 -23.97
CA GLU C 84 11.57 1.42 -25.10
C GLU C 84 12.87 2.11 -24.68
N LEU C 85 12.87 2.72 -23.51
CA LEU C 85 14.09 3.28 -22.94
C LEU C 85 15.19 2.21 -22.83
N GLN C 86 14.83 1.05 -22.29
CA GLN C 86 15.86 0.01 -22.12
C GLN C 86 16.42 -0.45 -23.47
N GLU C 87 15.58 -0.51 -24.51
CA GLU C 87 16.08 -0.92 -25.83
C GLU C 87 17.02 0.13 -26.48
N GLU C 88 17.39 1.19 -25.77
CA GLU C 88 18.35 2.20 -26.27
C GLU C 88 17.67 3.13 -27.27
N MET D 1 26.39 -5.63 -12.01
CA MET D 1 25.79 -5.55 -10.68
C MET D 1 25.43 -6.94 -10.15
N SER D 2 25.25 -7.05 -8.83
CA SER D 2 24.87 -8.31 -8.21
C SER D 2 23.42 -8.65 -8.54
N ASN D 3 23.10 -9.95 -8.49
CA ASN D 3 21.70 -10.35 -8.58
C ASN D 3 20.87 -9.70 -7.47
N THR D 4 21.44 -9.59 -6.27
CA THR D 4 20.74 -8.90 -5.19
C THR D 4 20.35 -7.49 -5.57
N GLU D 5 21.30 -6.73 -6.15
CA GLU D 5 20.98 -5.36 -6.54
C GLU D 5 19.92 -5.32 -7.63
N LEU D 6 19.98 -6.25 -8.59
CA LEU D 6 18.96 -6.29 -9.63
C LEU D 6 17.58 -6.58 -9.03
N GLU D 7 17.50 -7.54 -8.10
CA GLU D 7 16.22 -7.83 -7.45
C GLU D 7 15.70 -6.63 -6.67
N LEU D 8 16.60 -5.89 -6.00
CA LEU D 8 16.14 -4.72 -5.26
C LEU D 8 15.65 -3.61 -6.19
N LEU D 9 16.34 -3.41 -7.33
CA LEU D 9 15.84 -2.45 -8.31
C LEU D 9 14.44 -2.83 -8.79
N ARG D 10 14.20 -4.13 -9.05
CA ARG D 10 12.86 -4.56 -9.43
C ARG D 10 11.84 -4.26 -8.34
N GLN D 11 12.22 -4.50 -7.09
CA GLN D 11 11.34 -4.16 -5.97
C GLN D 11 11.05 -2.66 -5.95
N LYS D 12 12.08 -1.84 -6.17
CA LYS D 12 11.88 -0.40 -6.16
C LYS D 12 10.93 0.02 -7.28
N ALA D 13 11.07 -0.61 -8.46
CA ALA D 13 10.17 -0.28 -9.55
C ALA D 13 8.72 -0.64 -9.23
N ASP D 14 8.49 -1.80 -8.61
CA ASP D 14 7.12 -2.15 -8.23
C ASP D 14 6.56 -1.17 -7.20
N GLU D 15 7.37 -0.78 -6.21
CA GLU D 15 6.97 0.23 -5.24
C GLU D 15 6.57 1.53 -5.93
N LEU D 16 7.38 1.97 -6.89
CA LEU D 16 7.06 3.16 -7.66
C LEU D 16 5.74 3.00 -8.41
N ASN D 17 5.51 1.81 -8.99
CA ASN D 17 4.22 1.53 -9.61
C ASN D 17 3.07 1.83 -8.66
N LEU D 18 3.15 1.29 -7.43
CA LEU D 18 2.06 1.45 -6.46
C LEU D 18 1.90 2.91 -6.03
N GLN D 19 2.99 3.65 -5.92
CA GLN D 19 2.87 5.06 -5.56
C GLN D 19 2.25 5.86 -6.70
N ILE D 20 2.65 5.55 -7.94
CA ILE D 20 2.02 6.16 -9.10
C ILE D 20 0.54 5.87 -9.13
N LEU D 21 0.17 4.61 -8.84
CA LEU D 21 -1.24 4.24 -8.77
C LEU D 21 -1.98 5.10 -7.75
N LYS D 22 -1.40 5.25 -6.56
CA LYS D 22 -2.07 6.04 -5.54
C LYS D 22 -2.26 7.48 -6.01
N LEU D 23 -1.24 8.06 -6.66
CA LEU D 23 -1.38 9.44 -7.10
C LEU D 23 -2.39 9.57 -8.24
N ILE D 24 -2.43 8.59 -9.13
CA ILE D 24 -3.41 8.61 -10.21
C ILE D 24 -4.81 8.53 -9.65
N ASN D 25 -5.02 7.72 -8.61
CA ASN D 25 -6.34 7.60 -8.01
C ASN D 25 -6.75 8.87 -7.27
N GLU D 26 -5.83 9.43 -6.47
CA GLU D 26 -6.11 10.71 -5.83
C GLU D 26 -6.46 11.76 -6.88
N ARG D 27 -5.72 11.79 -7.99
CA ARG D 27 -6.03 12.69 -9.09
C ARG D 27 -7.42 12.40 -9.65
N GLY D 28 -7.76 11.13 -9.80
CA GLY D 28 -9.10 10.78 -10.24
C GLY D 28 -10.18 11.36 -9.35
N ASN D 29 -9.98 11.30 -8.03
CA ASN D 29 -10.97 11.89 -7.15
C ASN D 29 -11.07 13.40 -7.37
N VAL D 30 -9.91 14.07 -7.49
CA VAL D 30 -9.95 15.51 -7.76
C VAL D 30 -10.73 15.80 -9.05
N VAL D 31 -10.47 15.04 -10.12
CA VAL D 31 -11.11 15.44 -11.38
C VAL D 31 -12.56 15.02 -11.42
N LYS D 32 -12.97 14.00 -10.66
CA LYS D 32 -14.40 13.77 -10.45
C LYS D 32 -15.06 15.01 -9.87
N GLU D 33 -14.43 15.59 -8.83
CA GLU D 33 -15.01 16.79 -8.23
C GLU D 33 -15.01 17.95 -9.23
N ILE D 34 -13.95 18.04 -10.05
CA ILE D 34 -13.92 19.02 -11.13
C ILE D 34 -15.08 18.78 -12.10
N GLY D 35 -15.37 17.51 -12.41
CA GLY D 35 -16.47 17.23 -13.31
C GLY D 35 -17.78 17.78 -12.77
N LYS D 36 -18.03 17.58 -11.48
CA LYS D 36 -19.25 18.15 -10.90
C LYS D 36 -19.23 19.68 -10.96
N ALA D 37 -18.08 20.30 -10.65
CA ALA D 37 -17.99 21.76 -10.73
C ALA D 37 -18.30 22.25 -12.14
N LYS D 38 -17.70 21.62 -13.16
CA LYS D 38 -17.93 22.02 -14.54
C LYS D 38 -19.39 21.86 -14.93
N GLU D 39 -20.04 20.78 -14.48
CA GLU D 39 -21.48 20.68 -14.71
C GLU D 39 -22.22 21.84 -14.06
N ALA D 40 -21.88 22.16 -12.81
CA ALA D 40 -22.53 23.30 -12.14
C ALA D 40 -22.27 24.61 -12.88
N GLN D 41 -21.13 24.75 -13.56
CA GLN D 41 -20.75 25.98 -14.25
C GLN D 41 -21.23 26.01 -15.70
N GLY D 42 -21.97 25.00 -16.16
CA GLY D 42 -22.46 24.98 -17.53
C GLY D 42 -21.33 24.93 -18.55
N VAL D 43 -20.43 23.98 -18.39
CA VAL D 43 -19.22 23.87 -19.20
C VAL D 43 -19.03 22.41 -19.61
N ASN D 44 -18.47 22.21 -20.81
CA ASN D 44 -18.22 20.88 -21.33
C ASN D 44 -17.21 20.13 -20.47
N ARG D 45 -17.24 18.80 -20.58
CA ARG D 45 -16.24 17.97 -19.91
C ARG D 45 -14.85 18.20 -20.49
N PHE D 46 -14.73 18.16 -21.81
CA PHE D 46 -13.43 18.30 -22.47
C PHE D 46 -13.11 19.78 -22.67
N ASP D 47 -11.97 20.21 -22.13
CA ASP D 47 -11.46 21.58 -22.23
C ASP D 47 -10.08 21.55 -22.86
N PRO D 48 -9.96 21.79 -24.17
CA PRO D 48 -8.65 21.65 -24.82
C PRO D 48 -7.64 22.68 -24.35
N VAL D 49 -8.08 23.89 -24.01
CA VAL D 49 -7.18 24.87 -23.40
C VAL D 49 -6.60 24.31 -22.12
N ARG D 50 -7.44 23.72 -21.27
CA ARG D 50 -6.95 23.13 -20.04
C ARG D 50 -5.94 22.01 -20.30
N GLU D 51 -6.21 21.14 -21.27
CA GLU D 51 -5.26 20.06 -21.55
C GLU D 51 -3.93 20.63 -22.06
N ARG D 52 -3.99 21.67 -22.89
CA ARG D 52 -2.75 22.30 -23.34
C ARG D 52 -1.99 22.90 -22.16
N THR D 53 -2.67 23.58 -21.25
CA THR D 53 -2.01 24.15 -20.08
C THR D 53 -1.34 23.06 -19.24
N MET D 54 -2.09 22.00 -18.93
CA MET D 54 -1.54 20.89 -18.15
C MET D 54 -0.31 20.30 -18.82
N LEU D 55 -0.42 19.99 -20.13
CA LEU D 55 0.74 19.42 -20.84
C LEU D 55 1.90 20.39 -20.86
N ASN D 56 1.61 21.69 -20.95
CA ASN D 56 2.67 22.69 -20.93
C ASN D 56 3.44 22.64 -19.61
N ASN D 57 2.71 22.58 -18.49
CA ASN D 57 3.32 22.45 -17.17
C ASN D 57 4.16 21.18 -17.08
N ILE D 58 3.59 20.06 -17.53
CA ILE D 58 4.26 18.77 -17.42
C ILE D 58 5.57 18.80 -18.21
N ILE D 59 5.49 19.17 -19.48
CA ILE D 59 6.67 19.13 -20.33
C ILE D 59 7.71 20.15 -19.89
N GLU D 60 7.28 21.32 -19.42
CA GLU D 60 8.25 22.27 -18.91
C GLU D 60 8.97 21.73 -17.69
N ASN D 61 8.37 20.77 -16.98
CA ASN D 61 9.05 20.17 -15.85
C ASN D 61 9.68 18.81 -16.16
N ASN D 62 9.82 18.46 -17.44
CA ASN D 62 10.34 17.15 -17.81
C ASN D 62 11.84 17.23 -18.00
N ASP D 63 12.59 16.73 -17.01
CA ASP D 63 14.02 16.52 -17.18
C ASP D 63 14.39 15.06 -16.96
N GLY D 64 13.40 14.17 -16.85
CA GLY D 64 13.64 12.76 -16.64
C GLY D 64 14.28 12.13 -17.85
N PRO D 65 14.36 10.80 -17.86
CA PRO D 65 15.01 10.11 -18.99
C PRO D 65 14.13 9.99 -20.22
N PHE D 66 12.84 10.26 -20.12
CA PHE D 66 11.93 10.05 -21.24
C PHE D 66 11.83 11.32 -22.10
N GLU D 67 11.59 11.11 -23.39
CA GLU D 67 11.33 12.19 -24.32
C GLU D 67 10.02 12.90 -23.99
N ASN D 68 9.94 14.17 -24.41
CA ASN D 68 8.70 14.92 -24.23
C ASN D 68 7.52 14.21 -24.91
N SER D 69 7.73 13.65 -26.11
CA SER D 69 6.64 13.01 -26.81
C SER D 69 6.10 11.81 -26.02
N THR D 70 7.00 11.04 -25.42
CA THR D 70 6.58 9.88 -24.61
C THR D 70 5.75 10.34 -23.41
N ILE D 71 6.23 11.37 -22.71
CA ILE D 71 5.51 11.88 -21.54
C ILE D 71 4.14 12.43 -21.96
N GLN D 72 4.10 13.17 -23.06
CA GLN D 72 2.82 13.68 -23.57
C GLN D 72 1.83 12.53 -23.82
N HIS D 73 2.30 11.45 -24.46
CA HIS D 73 1.38 10.34 -24.74
C HIS D 73 0.83 9.73 -23.46
N ILE D 74 1.70 9.42 -22.51
CA ILE D 74 1.24 8.83 -21.26
C ILE D 74 0.22 9.74 -20.59
N PHE D 75 0.55 11.03 -20.47
CA PHE D 75 -0.37 11.91 -19.76
C PHE D 75 -1.66 12.10 -20.52
N LYS D 76 -1.64 12.01 -21.84
CA LYS D 76 -2.91 12.12 -22.56
C LYS D 76 -3.78 10.92 -22.26
N GLU D 77 -3.17 9.75 -22.02
CA GLU D 77 -3.97 8.61 -21.58
C GLU D 77 -4.53 8.84 -20.17
N ILE D 78 -3.73 9.43 -19.28
CA ILE D 78 -4.25 9.73 -17.94
C ILE D 78 -5.43 10.71 -18.03
N PHE D 79 -5.31 11.74 -18.87
CA PHE D 79 -6.38 12.71 -19.05
C PHE D 79 -7.63 12.05 -19.62
N LYS D 80 -7.44 11.19 -20.64
CA LYS D 80 -8.58 10.53 -21.25
C LYS D 80 -9.34 9.71 -20.22
N ALA D 81 -8.61 8.98 -19.36
CA ALA D 81 -9.24 8.20 -18.29
C ALA D 81 -10.05 9.10 -17.36
N GLY D 82 -9.47 10.23 -16.94
CA GLY D 82 -10.21 11.15 -16.09
C GLY D 82 -11.49 11.66 -16.76
N LEU D 83 -11.40 12.00 -18.05
CA LEU D 83 -12.58 12.47 -18.77
C LEU D 83 -13.66 11.40 -18.79
N GLU D 84 -13.29 10.14 -19.05
CA GLU D 84 -14.28 9.07 -19.02
C GLU D 84 -14.89 8.95 -17.63
N LEU D 85 -14.10 9.17 -16.58
CA LEU D 85 -14.66 9.14 -15.23
C LEU D 85 -15.71 10.23 -15.07
N GLN D 86 -15.48 11.41 -15.67
CA GLN D 86 -16.48 12.47 -15.54
C GLN D 86 -17.78 12.15 -16.29
N GLU D 87 -17.78 11.16 -17.18
CA GLU D 87 -19.03 10.65 -17.75
C GLU D 87 -19.87 9.97 -16.69
S SO4 E . 6.52 2.17 22.14
O1 SO4 E . 5.94 2.70 23.37
O2 SO4 E . 7.90 2.62 21.99
O3 SO4 E . 6.48 0.71 22.20
O4 SO4 E . 5.72 2.64 21.01
S SO4 F . -6.03 5.32 19.54
O1 SO4 F . -5.49 6.16 20.60
O2 SO4 F . -6.49 4.06 20.12
O3 SO4 F . -5.01 5.06 18.53
O4 SO4 F . -7.16 6.01 18.90
C1 CIT G . -13.76 -5.38 24.06
O1 CIT G . -14.10 -5.56 25.27
O2 CIT G . -12.58 -5.58 23.69
C2 CIT G . -14.81 -4.93 23.06
C3 CIT G . -14.72 -5.69 21.74
O7 CIT G . -14.75 -7.10 21.94
C4 CIT G . -15.86 -5.23 20.86
C5 CIT G . -17.15 -6.02 21.11
O3 CIT G . -17.94 -5.71 22.06
O4 CIT G . -17.42 -6.97 20.32
C6 CIT G . -13.47 -5.35 20.95
O5 CIT G . -13.17 -4.14 20.85
O6 CIT G . -12.77 -6.24 20.37
H21 CIT G . -15.69 -5.09 23.45
H22 CIT G . -14.71 -3.97 22.88
HO7 CIT G . -14.99 -7.27 22.77
H41 CIT G . -15.61 -5.37 19.92
H42 CIT G . -16.03 -4.28 21.01
S SO4 H . -0.58 -10.48 28.47
O1 SO4 H . -1.40 -10.75 29.65
O2 SO4 H . 0.85 -10.51 28.82
O3 SO4 H . -0.85 -11.52 27.47
O4 SO4 H . -0.89 -9.15 27.94
S SO4 I . -6.38 -13.14 31.79
O1 SO4 I . -7.50 -12.98 32.71
O2 SO4 I . -5.13 -13.23 32.54
O3 SO4 I . -6.59 -14.34 30.99
O4 SO4 I . -6.33 -11.96 30.92
S SO4 J . -5.62 -2.68 -23.00
O1 SO4 J . -5.60 -2.92 -21.56
O2 SO4 J . -4.45 -1.89 -23.39
O3 SO4 J . -5.59 -3.96 -23.71
O4 SO4 J . -6.85 -1.97 -23.38
S SO4 K . 0.79 -5.09 -24.58
O1 SO4 K . -0.27 -5.83 -23.92
O2 SO4 K . 1.83 -4.72 -23.62
O3 SO4 K . 1.40 -5.95 -25.62
O4 SO4 K . 0.22 -3.90 -25.19
C1 CIT L . -10.06 17.66 -19.45
O1 CIT L . -9.02 16.95 -19.54
O2 CIT L . -10.53 18.22 -20.48
C2 CIT L . -10.75 17.82 -18.11
C3 CIT L . -9.76 17.84 -16.95
O7 CIT L . -8.74 18.77 -17.21
C4 CIT L . -10.51 18.26 -15.71
C5 CIT L . -10.58 19.76 -15.74
O3 CIT L . -9.69 20.43 -15.16
O4 CIT L . -11.52 20.34 -16.34
C6 CIT L . -9.08 16.51 -16.68
O5 CIT L . -7.83 16.50 -16.47
O6 CIT L . -9.76 15.44 -16.63
H21 CIT L . -11.25 18.66 -18.12
H22 CIT L . -11.39 17.08 -17.98
HO7 CIT L . -8.04 18.36 -17.57
H41 CIT L . -9.99 17.98 -14.92
H42 CIT L . -11.39 17.86 -15.69
S SO4 M . -0.33 10.53 -28.89
O1 SO4 M . 0.08 9.32 -28.19
O2 SO4 M . 0.65 11.58 -28.64
O3 SO4 M . -0.43 10.22 -30.31
O4 SO4 M . -1.64 10.95 -28.39
#